data_3LPW
#
_entry.id   3LPW
#
_cell.length_a   115.900
_cell.length_b   163.200
_cell.length_c   65.200
_cell.angle_alpha   90.00
_cell.angle_beta   90.00
_cell.angle_gamma   90.00
#
_symmetry.space_group_name_H-M   'C 2 2 21'
#
loop_
_entity.id
_entity.type
_entity.pdbx_description
1 polymer 'A77-A78 domain from Titin'
2 non-polymer (4S)-2-METHYL-2,4-PENTANEDIOL
3 non-polymer (4R)-2-METHYLPENTANE-2,4-DIOL
4 water water
#
_entity_poly.entity_id   1
_entity_poly.type   'polypeptide(L)'
_entity_poly.pdbx_seq_one_letter_code
;GAMDTPGPPQDLKVKEVTKTSVTLTWDPPLLDGGSKIKNYIVEKRESTRKAYSTVATNCHKTSWKVDQLQEGCSYYFRVL
AENEYGIGLPAETAESVKASERPLPPGKITLMDVTRNSVSLSWEKPEHDGGSRILGYIVEMQTKGSDKWATCATVKVTEA
TITGLIQGEEYSFRVSAQNEKGISDPRQLSVPVIAKD
;
_entity_poly.pdbx_strand_id   A,B
#
loop_
_chem_comp.id
_chem_comp.type
_chem_comp.name
_chem_comp.formula
MPD non-polymer (4S)-2-METHYL-2,4-PENTANEDIOL 'C6 H14 O2'
MRD non-polymer (4R)-2-METHYLPENTANE-2,4-DIOL 'C6 H14 O2'
#
# COMPACT_ATOMS: atom_id res chain seq x y z
N GLY A 1 46.45 5.24 -1.80
CA GLY A 1 45.75 4.56 -2.88
C GLY A 1 44.48 5.32 -3.22
N ALA A 2 43.44 4.58 -3.61
CA ALA A 2 42.14 5.17 -3.91
C ALA A 2 41.61 6.02 -2.76
N MET A 3 40.94 7.11 -3.12
CA MET A 3 40.20 7.96 -2.19
C MET A 3 38.74 7.95 -2.66
N ASP A 4 37.84 7.41 -1.84
CA ASP A 4 36.48 7.18 -2.29
C ASP A 4 35.61 6.90 -1.08
N THR A 5 34.30 6.85 -1.31
CA THR A 5 33.38 6.30 -0.33
C THR A 5 33.59 4.78 -0.30
N PRO A 6 33.01 4.09 0.68
CA PRO A 6 33.36 2.67 0.84
C PRO A 6 32.74 1.73 -0.18
N GLY A 7 33.33 0.55 -0.30
CA GLY A 7 32.74 -0.56 -1.06
C GLY A 7 31.51 -1.09 -0.33
N PRO A 8 30.78 -2.04 -0.95
CA PRO A 8 29.55 -2.61 -0.36
C PRO A 8 29.86 -3.56 0.79
N PRO A 9 28.98 -3.60 1.79
CA PRO A 9 29.11 -4.61 2.83
C PRO A 9 29.15 -6.00 2.19
N GLN A 10 29.77 -6.96 2.87
CA GLN A 10 29.96 -8.29 2.31
C GLN A 10 29.04 -9.31 2.98
N ASP A 11 28.60 -10.32 2.23
CA ASP A 11 27.79 -11.41 2.77
C ASP A 11 26.57 -10.94 3.59
N LEU A 12 25.89 -9.90 3.11
CA LEU A 12 24.62 -9.50 3.73
C LEU A 12 23.64 -10.65 3.65
N LYS A 13 23.04 -10.99 4.78
CA LYS A 13 22.08 -12.08 4.80
C LYS A 13 21.06 -11.87 5.91
N VAL A 14 19.94 -12.58 5.77
CA VAL A 14 18.87 -12.53 6.73
C VAL A 14 19.08 -13.67 7.71
N LYS A 15 19.20 -13.32 8.98
CA LYS A 15 19.60 -14.25 10.01
C LYS A 15 18.41 -14.95 10.61
N GLU A 16 17.32 -14.21 10.74
CA GLU A 16 16.15 -14.71 11.44
C GLU A 16 14.97 -13.93 10.88
N VAL A 17 13.79 -14.56 10.88
CA VAL A 17 12.57 -13.94 10.32
C VAL A 17 11.37 -14.27 11.19
N THR A 18 10.58 -13.25 11.51
CA THR A 18 9.29 -13.46 12.19
C THR A 18 8.21 -12.72 11.44
N LYS A 19 6.99 -12.81 11.94
CA LYS A 19 5.90 -12.12 11.26
C LYS A 19 5.99 -10.60 11.45
N THR A 20 6.92 -10.14 12.28
CA THR A 20 7.05 -8.70 12.52
C THR A 20 8.47 -8.15 12.32
N SER A 21 9.44 -9.01 12.04
CA SER A 21 10.83 -8.58 12.04
C SER A 21 11.73 -9.46 11.22
N VAL A 22 12.88 -8.90 10.85
CA VAL A 22 13.94 -9.61 10.16
C VAL A 22 15.23 -9.13 10.79
N THR A 23 16.12 -10.04 11.13
CA THR A 23 17.45 -9.67 11.62
C THR A 23 18.48 -9.86 10.52
N LEU A 24 19.26 -8.80 10.27
CA LEU A 24 20.25 -8.81 9.21
C LEU A 24 21.62 -8.98 9.82
N THR A 25 22.51 -9.63 9.07
CA THR A 25 23.92 -9.71 9.44
C THR A 25 24.75 -9.50 8.18
N TRP A 26 25.94 -8.95 8.37
CA TRP A 26 26.86 -8.69 7.26
C TRP A 26 28.28 -8.59 7.78
N ASP A 27 29.22 -8.42 6.85
CA ASP A 27 30.61 -8.21 7.19
C ASP A 27 31.05 -6.91 6.54
N PRO A 28 32.13 -6.28 7.06
CA PRO A 28 32.58 -4.99 6.55
C PRO A 28 32.94 -5.06 5.07
N PRO A 29 32.89 -3.92 4.37
CA PRO A 29 33.35 -3.85 2.97
C PRO A 29 34.82 -4.30 2.88
N LEU A 30 35.22 -4.78 1.72
CA LEU A 30 36.63 -5.11 1.49
C LEU A 30 37.45 -3.84 1.30
N LEU A 31 36.79 -2.80 0.79
CA LEU A 31 37.44 -1.52 0.54
C LEU A 31 36.75 -0.41 1.31
N ASP A 32 37.50 0.38 2.08
CA ASP A 32 36.91 1.51 2.78
C ASP A 32 37.11 2.85 2.09
N GLY A 33 37.77 2.82 0.92
CA GLY A 33 37.96 4.03 0.15
C GLY A 33 39.03 4.95 0.73
N GLY A 34 39.83 4.40 1.63
CA GLY A 34 40.97 5.14 2.16
C GLY A 34 40.63 5.97 3.38
N SER A 35 39.43 5.79 3.91
CA SER A 35 39.03 6.51 5.11
C SER A 35 38.09 5.66 5.95
N LYS A 36 38.29 5.69 7.27
CA LYS A 36 37.56 4.82 8.20
C LYS A 36 36.05 4.82 8.02
N ILE A 37 35.47 3.63 8.02
CA ILE A 37 34.01 3.50 8.05
C ILE A 37 33.51 3.96 9.40
N LYS A 38 32.62 4.96 9.38
CA LYS A 38 32.10 5.58 10.58
C LYS A 38 30.86 4.86 11.11
N ASN A 39 30.09 4.28 10.19
CA ASN A 39 28.80 3.70 10.52
C ASN A 39 28.22 3.01 9.30
N TYR A 40 27.14 2.28 9.53
CA TYR A 40 26.33 1.70 8.47
C TYR A 40 24.97 2.36 8.48
N ILE A 41 24.35 2.37 7.31
CA ILE A 41 22.97 2.81 7.15
C ILE A 41 22.18 1.58 6.75
N VAL A 42 21.03 1.37 7.38
CA VAL A 42 20.20 0.21 7.07
C VAL A 42 18.84 0.67 6.58
N GLU A 43 18.38 0.09 5.47
CA GLU A 43 17.10 0.47 4.88
C GLU A 43 16.25 -0.75 4.51
N LYS A 44 14.94 -0.55 4.39
CA LYS A 44 14.01 -1.62 4.04
C LYS A 44 13.15 -1.16 2.87
N ARG A 45 12.72 -2.11 2.06
CA ARG A 45 11.79 -1.77 0.98
C ARG A 45 10.72 -2.86 0.89
N GLU A 46 9.51 -2.54 1.33
CA GLU A 46 8.41 -3.45 1.09
C GLU A 46 8.32 -3.63 -0.42
N SER A 47 8.11 -4.87 -0.86
CA SER A 47 8.42 -5.20 -2.25
C SER A 47 7.60 -4.45 -3.31
N THR A 48 6.45 -3.90 -2.93
CA THR A 48 5.62 -3.16 -3.89
C THR A 48 5.98 -1.68 -3.98
N ARG A 49 6.84 -1.22 -3.08
CA ARG A 49 7.20 0.20 -3.01
C ARG A 49 8.38 0.52 -3.91
N LYS A 50 8.37 1.71 -4.49
CA LYS A 50 9.48 2.15 -5.34
C LYS A 50 10.64 2.69 -4.52
N ALA A 51 10.36 3.22 -3.33
CA ALA A 51 11.41 3.82 -2.54
C ALA A 51 11.71 3.01 -1.29
N TYR A 52 12.98 3.03 -0.89
CA TYR A 52 13.38 2.47 0.39
C TYR A 52 12.98 3.42 1.52
N SER A 53 12.88 2.87 2.72
CA SER A 53 12.70 3.67 3.91
C SER A 53 13.90 3.39 4.79
N THR A 54 14.46 4.43 5.39
CA THR A 54 15.62 4.26 6.26
C THR A 54 15.19 3.77 7.63
N VAL A 55 15.88 2.74 8.11
CA VAL A 55 15.58 2.19 9.43
CA VAL A 55 15.60 2.15 9.41
C VAL A 55 16.64 2.57 10.47
N ALA A 56 17.89 2.74 10.03
CA ALA A 56 18.97 3.16 10.93
C ALA A 56 20.03 3.93 10.17
N THR A 57 20.50 5.05 10.75
CA THR A 57 21.53 5.86 10.11
C THR A 57 22.85 5.84 10.86
N ASN A 58 22.85 5.31 12.08
CA ASN A 58 24.06 5.27 12.89
C ASN A 58 24.28 3.90 13.51
N CYS A 59 24.25 2.89 12.66
CA CYS A 59 24.46 1.52 13.09
C CYS A 59 25.97 1.28 13.20
N HIS A 60 26.42 0.84 14.37
CA HIS A 60 27.85 0.72 14.64
C HIS A 60 28.34 -0.73 14.79
N LYS A 61 27.47 -1.68 14.46
CA LYS A 61 27.80 -3.10 14.49
C LYS A 61 27.39 -3.69 13.14
N THR A 62 27.85 -4.89 12.82
CA THR A 62 27.49 -5.51 11.53
C THR A 62 26.23 -6.38 11.64
N SER A 63 25.23 -5.87 12.34
CA SER A 63 23.94 -6.54 12.45
CA SER A 63 23.93 -6.53 12.40
C SER A 63 22.86 -5.53 12.82
N TRP A 64 21.62 -5.86 12.51
CA TRP A 64 20.51 -4.98 12.85
C TRP A 64 19.20 -5.76 12.78
N LYS A 65 18.33 -5.57 13.77
CA LYS A 65 17.01 -6.16 13.75
C LYS A 65 16.00 -5.12 13.24
N VAL A 66 15.41 -5.41 12.09
CA VAL A 66 14.41 -4.52 11.52
C VAL A 66 13.05 -4.99 11.98
N ASP A 67 12.35 -4.17 12.77
CA ASP A 67 11.04 -4.60 13.24
C ASP A 67 9.90 -3.74 12.72
N GLN A 68 8.72 -3.93 13.32
CA GLN A 68 7.50 -3.24 12.89
C GLN A 68 7.18 -3.51 11.42
N LEU A 69 7.57 -4.68 10.93
CA LEU A 69 7.21 -5.08 9.58
C LEU A 69 5.75 -5.50 9.55
N GLN A 70 5.16 -5.49 8.36
CA GLN A 70 3.76 -5.88 8.21
C GLN A 70 3.64 -7.36 7.84
N GLU A 71 2.92 -8.09 8.67
CA GLU A 71 2.73 -9.52 8.50
C GLU A 71 2.26 -9.87 7.09
N GLY A 72 2.94 -10.82 6.45
CA GLY A 72 2.52 -11.30 5.15
C GLY A 72 3.12 -10.54 3.97
N CYS A 73 3.71 -9.38 4.24
CA CYS A 73 4.37 -8.60 3.20
C CYS A 73 5.80 -9.08 3.04
N SER A 74 6.38 -8.83 1.88
CA SER A 74 7.75 -9.22 1.59
C SER A 74 8.63 -7.98 1.48
N TYR A 75 9.90 -8.14 1.79
CA TYR A 75 10.80 -7.00 1.89
C TYR A 75 12.16 -7.29 1.30
N TYR A 76 12.76 -6.27 0.72
CA TYR A 76 14.19 -6.25 0.42
C TYR A 76 14.85 -5.38 1.48
N PHE A 77 16.12 -5.63 1.74
CA PHE A 77 16.88 -4.84 2.71
C PHE A 77 18.18 -4.38 2.08
N ARG A 78 18.67 -3.22 2.52
CA ARG A 78 19.88 -2.64 1.97
C ARG A 78 20.73 -2.14 3.12
N VAL A 79 22.04 -2.37 3.03
CA VAL A 79 22.96 -1.82 4.01
C VAL A 79 24.07 -1.11 3.24
N LEU A 80 24.41 0.11 3.66
CA LEU A 80 25.52 0.87 3.07
C LEU A 80 26.48 1.29 4.18
N ALA A 81 27.77 1.36 3.86
CA ALA A 81 28.78 1.83 4.80
C ALA A 81 29.03 3.29 4.50
N GLU A 82 29.34 4.07 5.52
CA GLU A 82 29.59 5.48 5.33
C GLU A 82 30.95 5.85 5.90
N ASN A 83 31.72 6.63 5.14
CA ASN A 83 32.96 7.22 5.67
C ASN A 83 32.90 8.75 5.54
N GLU A 84 34.02 9.43 5.73
CA GLU A 84 33.98 10.89 5.73
C GLU A 84 33.61 11.48 4.37
N TYR A 85 33.74 10.70 3.30
CA TYR A 85 33.44 11.19 1.96
C TYR A 85 31.98 10.96 1.57
N GLY A 86 31.24 10.26 2.43
CA GLY A 86 29.82 10.04 2.20
C GLY A 86 29.43 8.57 2.13
N ILE A 87 28.28 8.31 1.53
CA ILE A 87 27.70 6.97 1.57
C ILE A 87 28.30 6.07 0.49
N GLY A 88 28.62 4.83 0.87
CA GLY A 88 29.27 3.88 -0.03
C GLY A 88 28.30 3.10 -0.89
N LEU A 89 28.84 2.11 -1.60
CA LEU A 89 28.02 1.26 -2.47
C LEU A 89 27.06 0.39 -1.65
N PRO A 90 25.84 0.18 -2.17
CA PRO A 90 24.86 -0.61 -1.40
C PRO A 90 25.10 -2.11 -1.51
N ALA A 91 24.80 -2.81 -0.42
CA ALA A 91 24.56 -4.25 -0.49
C ALA A 91 23.06 -4.44 -0.28
N GLU A 92 22.42 -5.16 -1.19
CA GLU A 92 20.99 -5.42 -1.08
CA GLU A 92 20.99 -5.42 -1.08
C GLU A 92 20.73 -6.93 -1.09
N THR A 93 19.70 -7.37 -0.36
CA THR A 93 19.44 -8.81 -0.27
C THR A 93 19.01 -9.35 -1.63
N ALA A 94 19.43 -10.58 -1.94
CA ALA A 94 19.22 -11.12 -3.28
C ALA A 94 17.77 -11.42 -3.59
N GLU A 95 17.04 -11.91 -2.58
CA GLU A 95 15.65 -12.28 -2.73
C GLU A 95 14.83 -11.59 -1.67
N SER A 96 13.56 -11.33 -1.97
CA SER A 96 12.65 -10.77 -0.98
C SER A 96 12.42 -11.80 0.13
N VAL A 97 12.13 -11.29 1.31
CA VAL A 97 11.84 -12.12 2.48
C VAL A 97 10.45 -11.76 2.98
N LYS A 98 9.60 -12.77 3.18
CA LYS A 98 8.25 -12.54 3.66
C LYS A 98 8.25 -12.50 5.19
N ALA A 99 7.61 -11.47 5.73
CA ALA A 99 7.41 -11.36 7.17
C ALA A 99 6.31 -12.32 7.62
N SER A 100 6.71 -13.55 7.92
CA SER A 100 5.80 -14.57 8.42
C SER A 100 6.64 -15.63 9.12
N GLU A 101 5.97 -16.52 9.83
CA GLU A 101 6.65 -17.52 10.64
C GLU A 101 5.83 -18.81 10.69
N ARG A 102 6.36 -19.84 11.33
CA ARG A 102 5.62 -21.08 11.52
C ARG A 102 4.29 -20.81 12.23
N PRO A 103 3.29 -21.68 11.99
CA PRO A 103 1.94 -21.43 12.52
C PRO A 103 1.82 -21.78 13.99
N LEU A 104 0.72 -21.34 14.60
CA LEU A 104 0.32 -21.86 15.89
C LEU A 104 -0.14 -23.31 15.71
N PRO A 105 -0.25 -24.06 16.82
CA PRO A 105 -0.71 -25.45 16.67
C PRO A 105 -2.18 -25.50 16.23
N PRO A 106 -2.63 -26.67 15.76
CA PRO A 106 -4.06 -26.87 15.50
C PRO A 106 -4.84 -26.65 16.80
N GLY A 107 -6.16 -26.51 16.72
CA GLY A 107 -6.98 -26.44 17.93
C GLY A 107 -7.03 -27.78 18.63
N LYS A 108 -7.78 -27.84 19.73
CA LYS A 108 -7.95 -29.08 20.50
C LYS A 108 -8.21 -30.29 19.61
N ILE A 109 -7.52 -31.40 19.88
CA ILE A 109 -7.74 -32.62 19.13
C ILE A 109 -8.96 -33.35 19.67
N THR A 110 -9.86 -33.75 18.80
CA THR A 110 -11.05 -34.49 19.20
C THR A 110 -10.99 -35.93 18.73
N LEU A 111 -11.24 -36.86 19.64
CA LEU A 111 -11.29 -38.26 19.28
C LEU A 111 -12.66 -38.55 18.67
N MET A 112 -12.68 -38.98 17.41
CA MET A 112 -13.92 -39.12 16.67
C MET A 112 -14.41 -40.56 16.65
N ASP A 113 -13.48 -41.51 16.67
CA ASP A 113 -13.85 -42.92 16.60
C ASP A 113 -12.69 -43.77 17.04
N VAL A 114 -13.01 -44.92 17.63
CA VAL A 114 -12.02 -45.91 18.00
C VAL A 114 -12.55 -47.28 17.65
N THR A 115 -11.72 -48.12 17.05
CA THR A 115 -12.07 -49.52 16.82
C THR A 115 -10.89 -50.38 17.21
N ARG A 116 -11.02 -51.69 17.03
CA ARG A 116 -9.98 -52.62 17.45
C ARG A 116 -8.67 -52.39 16.70
N ASN A 117 -8.74 -51.73 15.55
CA ASN A 117 -7.54 -51.52 14.73
C ASN A 117 -7.35 -50.11 14.18
N SER A 118 -8.19 -49.18 14.61
CA SER A 118 -8.08 -47.81 14.11
C SER A 118 -8.46 -46.74 15.12
N VAL A 119 -8.02 -45.52 14.85
CA VAL A 119 -8.40 -44.35 15.62
C VAL A 119 -8.63 -43.22 14.63
N SER A 120 -9.75 -42.51 14.77
CA SER A 120 -10.01 -41.35 13.93
C SER A 120 -9.97 -40.07 14.74
N LEU A 121 -9.31 -39.06 14.20
CA LEU A 121 -9.14 -37.79 14.91
C LEU A 121 -9.64 -36.62 14.07
N SER A 122 -10.04 -35.56 14.75
CA SER A 122 -10.45 -34.33 14.06
C SER A 122 -9.88 -33.17 14.85
N TRP A 123 -9.59 -32.06 14.18
CA TRP A 123 -9.17 -30.85 14.89
C TRP A 123 -9.61 -29.58 14.17
N GLU A 124 -9.58 -28.46 14.87
CA GLU A 124 -9.81 -27.18 14.23
C GLU A 124 -8.49 -26.59 13.72
N LYS A 125 -8.61 -25.65 12.78
CA LYS A 125 -7.46 -24.96 12.21
C LYS A 125 -6.77 -24.17 13.30
N PRO A 126 -5.47 -23.87 13.12
CA PRO A 126 -4.76 -23.05 14.11
C PRO A 126 -5.43 -21.70 14.30
N GLU A 127 -5.30 -21.14 15.49
CA GLU A 127 -5.82 -19.82 15.80
C GLU A 127 -5.22 -18.74 14.89
N HIS A 128 -3.97 -18.96 14.47
CA HIS A 128 -3.31 -18.05 13.55
C HIS A 128 -2.25 -18.82 12.80
N ASP A 129 -2.05 -18.49 11.53
CA ASP A 129 -1.16 -19.26 10.67
C ASP A 129 0.25 -18.73 10.61
N GLY A 130 0.57 -17.70 11.40
CA GLY A 130 1.91 -17.13 11.41
C GLY A 130 2.19 -16.20 10.24
N GLY A 131 1.20 -16.00 9.37
CA GLY A 131 1.36 -15.13 8.22
C GLY A 131 1.58 -15.82 6.90
N SER A 132 1.72 -17.15 6.93
CA SER A 132 1.83 -17.99 5.73
C SER A 132 0.78 -19.08 5.78
N ARG A 133 0.07 -19.30 4.67
CA ARG A 133 -1.08 -20.22 4.67
C ARG A 133 -0.74 -21.65 5.13
N ILE A 134 -1.65 -22.26 5.87
CA ILE A 134 -1.44 -23.64 6.29
C ILE A 134 -1.41 -24.57 5.07
N LEU A 135 -0.38 -25.40 4.99
CA LEU A 135 -0.22 -26.32 3.86
C LEU A 135 -0.74 -27.71 4.20
N GLY A 136 -0.82 -27.99 5.49
CA GLY A 136 -1.24 -29.31 5.93
C GLY A 136 -0.88 -29.60 7.37
N TYR A 137 -1.05 -30.86 7.76
CA TYR A 137 -0.88 -31.30 9.16
C TYR A 137 -0.07 -32.58 9.25
N ILE A 138 0.71 -32.69 10.31
CA ILE A 138 1.46 -33.92 10.56
C ILE A 138 0.96 -34.58 11.83
N VAL A 139 0.47 -35.80 11.71
CA VAL A 139 0.01 -36.55 12.87
C VAL A 139 1.12 -37.49 13.31
N GLU A 140 1.38 -37.53 14.61
CA GLU A 140 2.36 -38.44 15.16
C GLU A 140 1.69 -39.33 16.19
N MET A 141 2.25 -40.53 16.38
CA MET A 141 1.70 -41.48 17.32
C MET A 141 2.81 -42.02 18.22
N GLN A 142 2.47 -42.36 19.46
CA GLN A 142 3.39 -43.01 20.38
C GLN A 142 2.73 -44.28 20.90
N THR A 143 3.43 -45.40 20.75
CA THR A 143 2.93 -46.69 21.23
C THR A 143 3.42 -46.92 22.66
N LYS A 144 2.54 -47.46 23.50
CA LYS A 144 2.89 -47.69 24.90
C LYS A 144 4.22 -48.44 24.99
N GLY A 145 5.14 -47.93 25.81
CA GLY A 145 6.44 -48.56 25.99
C GLY A 145 7.56 -47.92 25.20
N SER A 146 7.20 -47.20 24.14
CA SER A 146 8.17 -46.56 23.24
C SER A 146 8.68 -45.23 23.76
N ASP A 147 9.93 -44.92 23.43
CA ASP A 147 10.56 -43.65 23.79
CA ASP A 147 10.48 -43.62 23.82
C ASP A 147 10.51 -42.67 22.63
N LYS A 148 9.71 -42.99 21.61
CA LYS A 148 9.68 -42.17 20.42
C LYS A 148 8.28 -41.77 19.96
N TRP A 149 8.22 -40.72 19.17
CA TRP A 149 7.00 -40.33 18.47
C TRP A 149 7.28 -40.55 17.00
N ALA A 150 6.32 -41.13 16.28
CA ALA A 150 6.52 -41.41 14.87
C ALA A 150 5.40 -40.82 14.05
N THR A 151 5.73 -40.21 12.91
CA THR A 151 4.72 -39.74 11.99
C THR A 151 3.84 -40.88 11.53
N CYS A 152 2.53 -40.68 11.57
CA CYS A 152 1.59 -41.72 11.17
C CYS A 152 0.61 -41.25 10.10
N ALA A 153 0.57 -39.94 9.86
CA ALA A 153 -0.24 -39.39 8.76
C ALA A 153 0.23 -38.00 8.39
N THR A 154 0.14 -37.67 7.11
CA THR A 154 0.38 -36.30 6.65
C THR A 154 -0.80 -35.98 5.76
N VAL A 155 -1.58 -34.99 6.16
CA VAL A 155 -2.86 -34.70 5.51
C VAL A 155 -3.08 -33.20 5.30
N LYS A 156 -3.90 -32.86 4.31
CA LYS A 156 -4.24 -31.47 4.08
C LYS A 156 -5.53 -31.08 4.78
N VAL A 157 -6.40 -32.06 4.98
CA VAL A 157 -7.67 -31.85 5.67
C VAL A 157 -7.45 -31.90 7.18
N THR A 158 -8.46 -31.50 7.96
CA THR A 158 -8.30 -31.40 9.41
C THR A 158 -8.87 -32.63 10.12
N GLU A 159 -8.53 -33.80 9.57
CA GLU A 159 -8.94 -35.06 10.16
C GLU A 159 -8.00 -36.13 9.63
N ALA A 160 -7.90 -37.23 10.38
CA ALA A 160 -7.12 -38.38 9.93
C ALA A 160 -7.61 -39.64 10.62
N THR A 161 -7.64 -40.73 9.88
CA THR A 161 -7.88 -42.03 10.46
C THR A 161 -6.58 -42.82 10.39
N ILE A 162 -6.09 -43.27 11.54
CA ILE A 162 -4.87 -44.06 11.60
C ILE A 162 -5.24 -45.52 11.70
N THR A 163 -4.78 -46.32 10.74
CA THR A 163 -5.14 -47.73 10.68
C THR A 163 -3.94 -48.62 11.03
N GLY A 164 -4.19 -49.92 11.12
CA GLY A 164 -3.13 -50.87 11.39
C GLY A 164 -2.74 -51.00 12.84
N LEU A 165 -3.64 -50.61 13.74
CA LEU A 165 -3.35 -50.67 15.17
C LEU A 165 -3.62 -52.07 15.71
N ILE A 166 -3.01 -52.38 16.85
CA ILE A 166 -3.14 -53.69 17.47
C ILE A 166 -4.22 -53.67 18.55
N GLN A 167 -5.14 -54.63 18.48
CA GLN A 167 -6.25 -54.66 19.43
C GLN A 167 -5.74 -54.75 20.86
N GLY A 168 -6.17 -53.82 21.71
CA GLY A 168 -5.80 -53.84 23.10
C GLY A 168 -4.56 -53.02 23.42
N GLU A 169 -3.83 -52.62 22.39
CA GLU A 169 -2.66 -51.77 22.58
C GLU A 169 -3.10 -50.32 22.84
N GLU A 170 -2.27 -49.58 23.56
CA GLU A 170 -2.58 -48.19 23.89
C GLU A 170 -1.73 -47.23 23.08
N TYR A 171 -2.37 -46.20 22.53
CA TYR A 171 -1.68 -45.24 21.68
C TYR A 171 -1.95 -43.81 22.08
N SER A 172 -0.95 -42.95 21.91
CA SER A 172 -1.11 -41.51 22.08
C SER A 172 -0.90 -40.81 20.75
N PHE A 173 -1.60 -39.71 20.54
CA PHE A 173 -1.53 -38.98 19.28
C PHE A 173 -1.30 -37.49 19.49
N ARG A 174 -0.63 -36.86 18.53
CA ARG A 174 -0.53 -35.41 18.52
C ARG A 174 -0.50 -34.92 17.08
N VAL A 175 -0.84 -33.66 16.88
CA VAL A 175 -0.94 -33.11 15.54
C VAL A 175 -0.26 -31.76 15.46
N SER A 176 0.50 -31.53 14.39
CA SER A 176 1.14 -30.24 14.15
C SER A 176 0.67 -29.64 12.84
N ALA A 177 0.67 -28.31 12.76
CA ALA A 177 0.35 -27.60 11.52
C ALA A 177 1.63 -27.14 10.82
N GLN A 178 1.61 -27.12 9.49
CA GLN A 178 2.79 -26.74 8.73
C GLN A 178 2.47 -25.69 7.69
N ASN A 179 3.37 -24.72 7.53
CA ASN A 179 3.30 -23.79 6.42
C ASN A 179 4.68 -23.65 5.78
N GLU A 180 4.83 -22.72 4.84
CA GLU A 180 6.08 -22.61 4.09
C GLU A 180 7.29 -22.25 4.97
N LYS A 181 7.04 -21.74 6.17
CA LYS A 181 8.10 -21.31 7.08
C LYS A 181 8.51 -22.37 8.10
N GLY A 182 7.60 -23.27 8.43
CA GLY A 182 7.92 -24.32 9.39
C GLY A 182 6.72 -25.06 9.95
N ILE A 183 6.95 -25.74 11.07
CA ILE A 183 5.95 -26.60 11.68
C ILE A 183 5.65 -26.13 13.10
N SER A 184 4.37 -26.09 13.45
CA SER A 184 3.94 -25.63 14.78
C SER A 184 4.40 -26.60 15.85
N ASP A 185 4.34 -26.16 17.11
CA ASP A 185 4.40 -27.13 18.21
C ASP A 185 3.28 -28.13 17.99
N PRO A 186 3.48 -29.38 18.43
CA PRO A 186 2.38 -30.34 18.35
C PRO A 186 1.35 -30.07 19.44
N ARG A 187 0.11 -30.38 19.12
CA ARG A 187 -0.90 -30.47 20.17
C ARG A 187 -1.29 -31.90 20.41
N GLN A 188 -1.10 -32.34 21.65
CA GLN A 188 -1.37 -33.73 21.98
C GLN A 188 -2.85 -33.90 22.32
N LEU A 189 -3.41 -35.03 21.88
CA LEU A 189 -4.74 -35.45 22.30
C LEU A 189 -4.72 -35.58 23.82
N SER A 190 -5.82 -35.21 24.47
CA SER A 190 -5.79 -35.04 25.93
C SER A 190 -5.66 -36.35 26.73
N VAL A 191 -6.00 -37.48 26.10
CA VAL A 191 -5.97 -38.78 26.76
C VAL A 191 -5.45 -39.83 25.79
N PRO A 192 -4.69 -40.82 26.29
CA PRO A 192 -4.31 -41.96 25.44
C PRO A 192 -5.54 -42.78 25.03
N VAL A 193 -5.38 -43.61 24.00
CA VAL A 193 -6.50 -44.37 23.47
C VAL A 193 -6.19 -45.85 23.38
N ILE A 194 -7.03 -46.69 23.96
CA ILE A 194 -6.92 -48.12 23.79
C ILE A 194 -7.68 -48.55 22.55
N ALA A 195 -6.99 -49.25 21.65
CA ALA A 195 -7.64 -49.79 20.45
C ALA A 195 -8.57 -50.94 20.83
N LYS A 196 -9.87 -50.71 20.69
CA LYS A 196 -10.86 -51.71 21.10
C LYS A 196 -12.19 -51.53 20.37
N ASP A 197 -12.85 -52.67 20.13
CA ASP A 197 -14.16 -52.79 19.46
C ASP A 197 -14.05 -53.25 18.00
N MET B 3 -24.07 17.13 -49.50
CA MET B 3 -23.54 16.55 -48.27
C MET B 3 -24.55 15.67 -47.56
N ASP B 4 -24.35 14.35 -47.65
CA ASP B 4 -25.22 13.40 -46.98
C ASP B 4 -24.72 13.05 -45.58
N THR B 5 -23.52 13.51 -45.24
CA THR B 5 -22.98 13.23 -43.90
C THR B 5 -23.23 14.40 -42.95
N PRO B 6 -23.16 14.15 -41.64
CA PRO B 6 -23.49 15.20 -40.67
C PRO B 6 -22.42 16.28 -40.57
N GLY B 7 -22.82 17.46 -40.11
CA GLY B 7 -21.86 18.49 -39.76
C GLY B 7 -21.16 18.12 -38.46
N PRO B 8 -20.29 19.00 -37.97
CA PRO B 8 -19.56 18.76 -36.71
C PRO B 8 -20.48 18.91 -35.50
N PRO B 9 -20.23 18.16 -34.44
CA PRO B 9 -20.97 18.39 -33.20
C PRO B 9 -20.80 19.84 -32.74
N GLN B 10 -21.75 20.33 -31.96
CA GLN B 10 -21.74 21.71 -31.51
C GLN B 10 -21.37 21.82 -30.04
N ASP B 11 -20.68 22.91 -29.69
CA ASP B 11 -20.35 23.20 -28.29
C ASP B 11 -19.72 22.03 -27.56
N LEU B 12 -18.74 21.39 -28.21
CA LEU B 12 -17.95 20.36 -27.53
C LEU B 12 -17.14 20.99 -26.41
N LYS B 13 -17.30 20.49 -25.19
CA LYS B 13 -16.53 21.02 -24.07
C LYS B 13 -16.24 20.01 -22.97
N VAL B 14 -15.24 20.31 -22.16
CA VAL B 14 -14.89 19.48 -21.03
C VAL B 14 -15.82 19.78 -19.87
N LYS B 15 -16.47 18.73 -19.36
CA LYS B 15 -17.47 18.90 -18.31
C LYS B 15 -16.86 18.61 -16.94
N GLU B 16 -15.92 17.67 -16.90
CA GLU B 16 -15.24 17.33 -15.66
C GLU B 16 -13.87 16.79 -15.99
N VAL B 17 -12.90 17.01 -15.10
CA VAL B 17 -11.56 16.46 -15.26
C VAL B 17 -11.14 15.78 -13.97
N THR B 18 -10.52 14.60 -14.07
CA THR B 18 -9.89 13.95 -12.93
C THR B 18 -8.50 13.50 -13.35
N LYS B 19 -7.76 12.90 -12.42
CA LYS B 19 -6.39 12.50 -12.71
C LYS B 19 -6.33 11.29 -13.67
N THR B 20 -7.48 10.75 -14.02
CA THR B 20 -7.52 9.56 -14.86
CA THR B 20 -7.52 9.56 -14.86
C THR B 20 -8.55 9.67 -15.99
N SER B 21 -9.29 10.76 -16.02
CA SER B 21 -10.39 10.84 -16.99
C SER B 21 -10.79 12.25 -17.34
N VAL B 22 -11.50 12.39 -18.45
CA VAL B 22 -12.09 13.65 -18.84
C VAL B 22 -13.50 13.35 -19.35
N THR B 23 -14.49 14.05 -18.81
CA THR B 23 -15.86 13.91 -19.28
C THR B 23 -16.20 15.00 -20.29
N LEU B 24 -16.60 14.58 -21.48
CA LEU B 24 -16.97 15.50 -22.55
C LEU B 24 -18.48 15.63 -22.64
N THR B 25 -18.95 16.80 -23.07
CA THR B 25 -20.35 16.98 -23.40
C THR B 25 -20.39 17.82 -24.67
N TRP B 26 -21.41 17.61 -25.49
CA TRP B 26 -21.56 18.36 -26.72
C TRP B 26 -23.04 18.39 -27.08
N ASP B 27 -23.37 19.04 -28.19
CA ASP B 27 -24.71 19.01 -28.73
C ASP B 27 -24.67 18.49 -30.17
N PRO B 28 -25.83 18.05 -30.69
CA PRO B 28 -25.82 17.50 -32.05
C PRO B 28 -25.39 18.53 -33.09
N PRO B 29 -24.91 18.06 -34.25
CA PRO B 29 -24.60 18.96 -35.36
C PRO B 29 -25.84 19.75 -35.75
N LEU B 30 -25.65 20.91 -36.36
CA LEU B 30 -26.78 21.68 -36.86
C LEU B 30 -27.52 20.90 -37.94
N LEU B 31 -26.76 20.19 -38.77
CA LEU B 31 -27.31 19.41 -39.86
C LEU B 31 -26.85 17.95 -39.80
N ASP B 32 -27.77 17.03 -40.06
CA ASP B 32 -27.40 15.61 -40.07
C ASP B 32 -27.23 15.07 -41.49
N GLY B 33 -27.32 15.96 -42.47
CA GLY B 33 -27.14 15.59 -43.87
C GLY B 33 -28.32 14.84 -44.47
N GLY B 34 -29.44 14.83 -43.76
CA GLY B 34 -30.65 14.22 -44.30
C GLY B 34 -30.84 12.78 -43.86
N SER B 35 -29.91 12.28 -43.06
CA SER B 35 -30.02 10.92 -42.52
CA SER B 35 -30.01 10.92 -42.53
C SER B 35 -29.65 10.93 -41.04
N LYS B 36 -30.45 10.25 -40.23
CA LYS B 36 -30.27 10.28 -38.78
C LYS B 36 -28.88 9.85 -38.34
N ILE B 37 -28.35 10.59 -37.37
CA ILE B 37 -27.07 10.23 -36.77
C ILE B 37 -27.26 8.95 -35.96
N LYS B 38 -26.40 7.97 -36.23
CA LYS B 38 -26.53 6.65 -35.61
C LYS B 38 -25.64 6.54 -34.37
N ASN B 39 -24.55 7.29 -34.39
CA ASN B 39 -23.59 7.25 -33.30
C ASN B 39 -22.60 8.40 -33.39
N TYR B 40 -21.86 8.59 -32.31
CA TYR B 40 -20.72 9.49 -32.31
C TYR B 40 -19.45 8.69 -32.16
N ILE B 41 -18.37 9.22 -32.69
CA ILE B 41 -17.05 8.65 -32.51
C ILE B 41 -16.26 9.62 -31.65
N VAL B 42 -15.63 9.11 -30.59
CA VAL B 42 -14.91 9.95 -29.65
C VAL B 42 -13.44 9.59 -29.75
N GLU B 43 -12.58 10.61 -29.85
CA GLU B 43 -11.14 10.36 -29.97
C GLU B 43 -10.34 11.29 -29.05
N LYS B 44 -9.12 10.88 -28.75
CA LYS B 44 -8.26 11.65 -27.87
C LYS B 44 -6.90 11.83 -28.54
N ARG B 45 -6.18 12.87 -28.14
CA ARG B 45 -4.79 13.05 -28.54
C ARG B 45 -3.98 13.58 -27.38
N GLU B 46 -3.10 12.76 -26.82
CA GLU B 46 -2.19 13.24 -25.81
C GLU B 46 -1.31 14.30 -26.49
N SER B 47 -1.00 15.37 -25.77
CA SER B 47 -0.48 16.57 -26.43
C SER B 47 0.82 16.37 -27.22
N THR B 48 1.55 15.30 -26.95
CA THR B 48 2.82 15.06 -27.65
C THR B 48 2.66 14.12 -28.85
N ARG B 49 1.49 13.51 -28.97
CA ARG B 49 1.21 12.60 -30.08
C ARG B 49 0.86 13.40 -31.34
N LYS B 50 0.99 12.76 -32.49
CA LYS B 50 0.83 13.43 -33.78
C LYS B 50 -0.43 12.99 -34.54
N ALA B 51 -1.33 12.29 -33.86
CA ALA B 51 -2.61 11.85 -34.42
C ALA B 51 -3.55 11.53 -33.27
N TYR B 52 -4.85 11.60 -33.53
CA TYR B 52 -5.83 11.15 -32.56
C TYR B 52 -5.94 9.64 -32.57
N SER B 53 -6.28 9.06 -31.42
CA SER B 53 -6.61 7.65 -31.35
CA SER B 53 -6.61 7.64 -31.31
C SER B 53 -8.07 7.47 -30.92
N THR B 54 -8.71 6.42 -31.42
CA THR B 54 -10.13 6.21 -31.15
C THR B 54 -10.40 5.71 -29.74
N VAL B 55 -11.37 6.31 -29.08
CA VAL B 55 -11.77 5.89 -27.73
C VAL B 55 -13.03 5.05 -27.77
N ALA B 56 -14.00 5.51 -28.56
CA ALA B 56 -15.29 4.83 -28.69
C ALA B 56 -15.87 5.12 -30.06
N THR B 57 -16.49 4.12 -30.68
CA THR B 57 -17.13 4.33 -31.98
C THR B 57 -18.63 4.14 -31.88
N ASN B 58 -19.09 3.72 -30.71
CA ASN B 58 -20.50 3.38 -30.52
C ASN B 58 -21.13 4.22 -29.40
N CYS B 59 -20.77 5.50 -29.38
CA CYS B 59 -21.33 6.45 -28.42
C CYS B 59 -22.70 6.91 -28.89
N HIS B 60 -23.71 6.74 -28.04
CA HIS B 60 -25.10 6.98 -28.45
C HIS B 60 -25.76 8.18 -27.74
N LYS B 61 -24.98 8.87 -26.92
CA LYS B 61 -25.43 10.09 -26.22
C LYS B 61 -24.42 11.21 -26.52
N THR B 62 -24.83 12.46 -26.28
CA THR B 62 -23.91 13.57 -26.50
C THR B 62 -23.00 13.81 -25.30
N SER B 63 -22.45 12.72 -24.77
CA SER B 63 -21.49 12.79 -23.66
C SER B 63 -20.71 11.50 -23.61
N TRP B 64 -19.47 11.59 -23.14
CA TRP B 64 -18.64 10.41 -22.94
C TRP B 64 -17.58 10.72 -21.91
N LYS B 65 -17.29 9.75 -21.05
CA LYS B 65 -16.16 9.86 -20.13
C LYS B 65 -14.97 9.10 -20.69
N VAL B 66 -13.95 9.84 -21.11
CA VAL B 66 -12.74 9.23 -21.61
C VAL B 66 -11.89 8.89 -20.40
N ASP B 67 -11.64 7.61 -20.18
CA ASP B 67 -10.83 7.25 -19.02
C ASP B 67 -9.51 6.59 -19.41
N GLN B 68 -8.83 6.04 -18.40
CA GLN B 68 -7.49 5.49 -18.60
C GLN B 68 -6.53 6.53 -19.20
N LEU B 69 -6.73 7.78 -18.83
CA LEU B 69 -5.77 8.82 -19.20
C LEU B 69 -4.56 8.75 -18.27
N GLN B 70 -3.43 9.28 -18.73
CA GLN B 70 -2.21 9.26 -17.92
C GLN B 70 -2.14 10.50 -17.05
N GLU B 71 -2.09 10.29 -15.74
CA GLU B 71 -2.06 11.38 -14.77
C GLU B 71 -0.99 12.43 -15.10
N GLY B 72 -1.40 13.70 -15.13
CA GLY B 72 -0.47 14.79 -15.40
C GLY B 72 -0.20 15.07 -16.87
N CYS B 73 -0.66 14.21 -17.75
CA CYS B 73 -0.56 14.46 -19.19
C CYS B 73 -1.69 15.37 -19.64
N SER B 74 -1.49 16.05 -20.76
CA SER B 74 -2.51 16.93 -21.32
C SER B 74 -3.09 16.37 -22.62
N TYR B 75 -4.36 16.65 -22.87
CA TYR B 75 -5.09 16.00 -23.96
C TYR B 75 -5.99 16.96 -24.73
N TYR B 76 -6.10 16.71 -26.04
CA TYR B 76 -7.16 17.28 -26.85
C TYR B 76 -8.15 16.16 -27.14
N PHE B 77 -9.38 16.53 -27.49
CA PHE B 77 -10.41 15.55 -27.81
C PHE B 77 -11.15 15.99 -29.04
N ARG B 78 -11.69 15.03 -29.78
CA ARG B 78 -12.56 15.36 -30.89
C ARG B 78 -13.70 14.37 -30.93
N VAL B 79 -14.82 14.82 -31.46
CA VAL B 79 -16.00 13.98 -31.59
C VAL B 79 -16.52 14.16 -33.00
N LEU B 80 -16.88 13.04 -33.63
CA LEU B 80 -17.43 13.06 -34.98
C LEU B 80 -18.79 12.40 -34.96
N ALA B 81 -19.71 12.91 -35.77
CA ALA B 81 -21.02 12.30 -35.92
C ALA B 81 -21.06 11.38 -37.14
N GLU B 82 -21.74 10.25 -37.02
CA GLU B 82 -21.82 9.28 -38.11
C GLU B 82 -23.26 8.96 -38.46
N ASN B 83 -23.56 8.91 -39.76
CA ASN B 83 -24.84 8.39 -40.21
C ASN B 83 -24.62 7.30 -41.24
N GLU B 84 -25.69 6.85 -41.88
CA GLU B 84 -25.59 5.73 -42.83
C GLU B 84 -24.68 6.03 -44.02
N TYR B 85 -24.41 7.31 -44.28
CA TYR B 85 -23.60 7.68 -45.44
C TYR B 85 -22.14 7.97 -45.10
N GLY B 86 -21.80 7.89 -43.82
CA GLY B 86 -20.42 8.07 -43.40
C GLY B 86 -20.22 9.02 -42.24
N ILE B 87 -19.00 9.53 -42.10
CA ILE B 87 -18.64 10.33 -40.96
C ILE B 87 -18.53 11.80 -41.32
N GLY B 88 -18.98 12.68 -40.42
CA GLY B 88 -18.84 14.11 -40.63
C GLY B 88 -17.50 14.62 -40.15
N LEU B 89 -17.27 15.92 -40.31
CA LEU B 89 -16.04 16.51 -39.84
C LEU B 89 -16.07 16.66 -38.32
N PRO B 90 -14.90 16.65 -37.70
CA PRO B 90 -14.84 16.62 -36.23
C PRO B 90 -15.14 17.96 -35.58
N ALA B 91 -15.64 17.92 -34.34
CA ALA B 91 -15.55 19.05 -33.43
C ALA B 91 -14.35 18.76 -32.55
N GLU B 92 -13.55 19.79 -32.24
CA GLU B 92 -12.31 19.60 -31.49
C GLU B 92 -12.24 20.58 -30.33
N THR B 93 -11.70 20.14 -29.20
CA THR B 93 -11.44 21.07 -28.11
C THR B 93 -10.32 22.01 -28.54
N ALA B 94 -10.48 23.30 -28.27
CA ALA B 94 -9.50 24.30 -28.72
C ALA B 94 -8.24 24.30 -27.86
N GLU B 95 -8.42 24.14 -26.55
CA GLU B 95 -7.30 24.08 -25.63
C GLU B 95 -7.18 22.72 -24.96
N SER B 96 -5.96 22.29 -24.70
CA SER B 96 -5.75 21.02 -24.03
C SER B 96 -6.20 21.10 -22.56
N VAL B 97 -6.52 19.96 -21.98
CA VAL B 97 -6.77 19.88 -20.55
C VAL B 97 -5.83 18.87 -19.93
N LYS B 98 -5.37 19.17 -18.72
CA LYS B 98 -4.45 18.29 -18.01
C LYS B 98 -5.23 17.31 -17.13
N ALA B 99 -4.91 16.03 -17.27
CA ALA B 99 -5.50 15.00 -16.42
C ALA B 99 -4.95 15.09 -14.99
N SER B 100 -5.60 15.91 -14.17
CA SER B 100 -5.22 16.05 -12.76
C SER B 100 -6.40 16.62 -12.02
N GLU B 101 -6.32 16.65 -10.69
CA GLU B 101 -7.43 17.09 -9.88
C GLU B 101 -6.88 17.72 -8.61
N ARG B 102 -7.76 18.27 -7.78
CA ARG B 102 -7.35 18.87 -6.52
C ARG B 102 -6.70 17.81 -5.62
N PRO B 103 -5.87 18.26 -4.66
CA PRO B 103 -5.14 17.32 -3.79
C PRO B 103 -6.04 16.61 -2.78
N LEU B 104 -5.54 15.50 -2.25
CA LEU B 104 -6.12 14.94 -1.03
C LEU B 104 -5.81 15.89 0.11
N PRO B 105 -6.43 15.69 1.28
CA PRO B 105 -6.16 16.62 2.37
C PRO B 105 -4.77 16.40 2.97
N PRO B 106 -4.27 17.41 3.69
CA PRO B 106 -3.03 17.26 4.46
C PRO B 106 -3.17 16.11 5.46
N GLY B 107 -2.05 15.66 5.99
CA GLY B 107 -2.03 14.68 7.07
C GLY B 107 -2.40 15.31 8.41
N LYS B 108 -2.20 14.58 9.49
CA LYS B 108 -2.66 15.04 10.81
C LYS B 108 -2.11 16.42 11.15
N ILE B 109 -3.00 17.29 11.63
CA ILE B 109 -2.59 18.58 12.15
C ILE B 109 -2.10 18.36 13.58
N THR B 110 -0.85 18.74 13.83
CA THR B 110 -0.25 18.55 15.15
C THR B 110 0.03 19.90 15.79
N LEU B 111 -0.32 20.01 17.05
CA LEU B 111 -0.06 21.19 17.85
C LEU B 111 1.43 21.22 18.19
N MET B 112 2.13 22.26 17.75
CA MET B 112 3.57 22.37 17.99
C MET B 112 3.87 23.18 19.24
N ASP B 113 3.08 24.23 19.46
CA ASP B 113 3.33 25.14 20.56
C ASP B 113 2.06 25.93 20.84
N VAL B 114 1.91 26.39 22.08
CA VAL B 114 0.78 27.20 22.50
C VAL B 114 1.27 28.25 23.48
N THR B 115 0.91 29.51 23.24
CA THR B 115 1.15 30.59 24.21
C THR B 115 -0.15 31.35 24.46
N ARG B 116 -0.11 32.34 25.34
CA ARG B 116 -1.33 33.07 25.67
C ARG B 116 -1.98 33.74 24.46
N ASN B 117 -1.22 33.99 23.40
CA ASN B 117 -1.75 34.69 22.23
C ASN B 117 -1.45 34.04 20.89
N SER B 118 -0.95 32.81 20.89
CA SER B 118 -0.59 32.17 19.65
C SER B 118 -0.70 30.65 19.72
N VAL B 119 -0.88 30.04 18.55
CA VAL B 119 -0.83 28.59 18.40
C VAL B 119 0.04 28.28 17.19
N SER B 120 0.98 27.34 17.37
CA SER B 120 1.83 26.90 16.27
C SER B 120 1.42 25.50 15.85
N LEU B 121 1.22 25.30 14.55
CA LEU B 121 0.74 24.05 13.99
C LEU B 121 1.74 23.48 13.00
N SER B 122 1.73 22.16 12.86
CA SER B 122 2.47 21.50 11.80
C SER B 122 1.57 20.42 11.22
N TRP B 123 1.69 20.15 9.93
CA TRP B 123 0.95 19.07 9.29
C TRP B 123 1.85 18.33 8.29
N GLU B 124 1.35 17.21 7.76
CA GLU B 124 2.09 16.48 6.75
C GLU B 124 1.45 16.78 5.40
N LYS B 125 2.25 16.72 4.35
CA LYS B 125 1.69 16.91 3.01
C LYS B 125 0.71 15.77 2.71
N PRO B 126 -0.23 15.99 1.78
CA PRO B 126 -1.21 14.97 1.38
C PRO B 126 -0.55 13.70 0.86
N GLU B 127 -1.25 12.58 0.99
CA GLU B 127 -0.78 11.31 0.48
C GLU B 127 -0.62 11.35 -1.05
N HIS B 128 -1.41 12.20 -1.69
CA HIS B 128 -1.33 12.36 -3.14
C HIS B 128 -1.77 13.77 -3.52
N ASP B 129 -1.11 14.37 -4.52
CA ASP B 129 -1.37 15.77 -4.85
C ASP B 129 -2.38 15.92 -5.97
N GLY B 130 -2.94 14.80 -6.43
CA GLY B 130 -3.96 14.85 -7.46
C GLY B 130 -3.42 14.96 -8.87
N GLY B 131 -2.10 15.03 -9.01
CA GLY B 131 -1.48 15.07 -10.32
C GLY B 131 -0.96 16.44 -10.72
N SER B 132 -1.21 17.42 -9.86
CA SER B 132 -0.67 18.77 -10.03
C SER B 132 0.00 19.17 -8.72
N ARG B 133 1.18 19.75 -8.81
CA ARG B 133 1.99 20.00 -7.61
C ARG B 133 1.31 20.93 -6.60
N ILE B 134 1.49 20.63 -5.32
CA ILE B 134 0.94 21.48 -4.26
C ILE B 134 1.57 22.87 -4.33
N LEU B 135 0.71 23.88 -4.35
CA LEU B 135 1.14 25.27 -4.40
C LEU B 135 1.20 25.91 -3.02
N GLY B 136 0.47 25.34 -2.07
CA GLY B 136 0.45 25.91 -0.73
C GLY B 136 -0.71 25.37 0.08
N TYR B 137 -0.89 25.95 1.26
CA TYR B 137 -1.88 25.49 2.22
C TYR B 137 -2.68 26.68 2.73
N ILE B 138 -3.94 26.44 3.06
CA ILE B 138 -4.80 27.43 3.65
C ILE B 138 -5.23 26.95 5.02
N VAL B 139 -4.90 27.73 6.04
CA VAL B 139 -5.27 27.39 7.40
C VAL B 139 -6.50 28.20 7.78
N GLU B 140 -7.45 27.53 8.41
CA GLU B 140 -8.63 28.20 8.93
C GLU B 140 -8.82 27.93 10.42
N MET B 141 -9.53 28.82 11.08
CA MET B 141 -9.73 28.70 12.52
C MET B 141 -11.21 28.87 12.85
N GLN B 142 -11.61 28.28 13.97
CA GLN B 142 -12.97 28.36 14.46
C GLN B 142 -12.89 28.55 15.97
N THR B 143 -13.49 29.60 16.48
CA THR B 143 -13.47 29.83 17.91
CA THR B 143 -13.47 29.83 17.92
C THR B 143 -14.55 28.99 18.59
N LYS B 144 -14.28 28.55 19.82
CA LYS B 144 -15.24 27.72 20.55
C LYS B 144 -16.67 28.28 20.49
N GLY B 145 -17.60 27.46 20.06
CA GLY B 145 -19.00 27.85 20.00
C GLY B 145 -19.44 28.31 18.62
N SER B 146 -18.50 28.77 17.81
CA SER B 146 -18.83 29.28 16.48
C SER B 146 -19.15 28.16 15.48
N ASP B 147 -20.08 28.44 14.57
CA ASP B 147 -20.41 27.49 13.51
C ASP B 147 -19.75 27.90 12.18
N LYS B 148 -18.78 28.79 12.25
CA LYS B 148 -18.13 29.27 11.02
C LYS B 148 -16.62 29.12 11.08
N TRP B 149 -15.99 29.21 9.92
CA TRP B 149 -14.53 29.13 9.80
C TRP B 149 -14.00 30.38 9.14
N ALA B 150 -12.83 30.84 9.57
CA ALA B 150 -12.19 31.99 8.96
C ALA B 150 -10.76 31.67 8.60
N THR B 151 -10.32 32.13 7.43
CA THR B 151 -8.93 31.93 7.04
C THR B 151 -8.01 32.71 7.96
N CYS B 152 -6.96 32.05 8.44
CA CYS B 152 -6.02 32.70 9.36
C CYS B 152 -4.58 32.61 8.87
N ALA B 153 -4.33 31.82 7.83
CA ALA B 153 -3.00 31.80 7.24
C ALA B 153 -3.00 31.13 5.87
N THR B 154 -2.11 31.61 5.00
CA THR B 154 -1.87 30.98 3.72
CA THR B 154 -1.87 30.98 3.72
C THR B 154 -0.36 30.87 3.56
N VAL B 155 0.13 29.63 3.53
CA VAL B 155 1.58 29.39 3.55
C VAL B 155 1.99 28.31 2.56
N LYS B 156 3.27 28.30 2.20
CA LYS B 156 3.83 27.26 1.33
C LYS B 156 4.38 26.09 2.14
N VAL B 157 4.98 26.39 3.29
CA VAL B 157 5.53 25.36 4.16
C VAL B 157 4.42 24.63 4.90
N THR B 158 4.75 23.48 5.48
CA THR B 158 3.76 22.66 6.20
C THR B 158 3.63 23.00 7.68
N GLU B 159 3.64 24.29 8.00
CA GLU B 159 3.48 24.73 9.37
C GLU B 159 3.09 26.19 9.38
N ALA B 160 2.54 26.65 10.50
CA ALA B 160 2.14 28.05 10.62
C ALA B 160 1.99 28.40 12.08
N THR B 161 2.27 29.66 12.41
CA THR B 161 2.05 30.16 13.75
C THR B 161 0.98 31.23 13.63
N ILE B 162 -0.15 31.00 14.30
CA ILE B 162 -1.26 31.92 14.25
C ILE B 162 -1.23 32.80 15.50
N THR B 163 -1.10 34.11 15.29
CA THR B 163 -0.95 35.04 16.42
C THR B 163 -2.22 35.87 16.59
N GLY B 164 -2.20 36.75 17.59
CA GLY B 164 -3.34 37.62 17.85
C GLY B 164 -4.53 36.89 18.44
N LEU B 165 -4.28 35.75 19.09
CA LEU B 165 -5.34 35.01 19.75
C LEU B 165 -5.63 35.59 21.13
N ILE B 166 -6.84 35.33 21.65
CA ILE B 166 -7.24 35.81 22.97
C ILE B 166 -6.92 34.80 24.04
N GLN B 167 -6.22 35.23 25.09
CA GLN B 167 -5.86 34.33 26.18
C GLN B 167 -7.10 33.74 26.84
N GLY B 168 -7.09 32.43 27.07
CA GLY B 168 -8.23 31.76 27.69
C GLY B 168 -9.29 31.32 26.70
N GLU B 169 -9.18 31.76 25.46
CA GLU B 169 -10.14 31.38 24.42
C GLU B 169 -9.74 30.05 23.79
N GLU B 170 -10.74 29.29 23.35
CA GLU B 170 -10.50 27.97 22.79
C GLU B 170 -10.72 27.99 21.27
N TYR B 171 -9.83 27.33 20.54
CA TYR B 171 -9.81 27.39 19.08
C TYR B 171 -9.67 26.01 18.48
N SER B 172 -10.27 25.82 17.31
CA SER B 172 -9.95 24.69 16.46
C SER B 172 -9.36 25.23 15.16
N PHE B 173 -8.59 24.40 14.48
CA PHE B 173 -7.92 24.78 13.23
C PHE B 173 -8.09 23.65 12.22
N ARG B 174 -8.05 24.00 10.95
CA ARG B 174 -8.05 22.98 9.90
C ARG B 174 -7.22 23.52 8.75
N VAL B 175 -6.66 22.63 7.94
CA VAL B 175 -5.75 23.02 6.87
C VAL B 175 -6.14 22.30 5.59
N SER B 176 -6.09 23.02 4.48
CA SER B 176 -6.36 22.43 3.17
C SER B 176 -5.16 22.63 2.26
N ALA B 177 -4.94 21.71 1.33
CA ALA B 177 -3.87 21.82 0.36
C ALA B 177 -4.44 22.33 -0.96
N GLN B 178 -3.70 23.20 -1.64
CA GLN B 178 -4.16 23.77 -2.89
C GLN B 178 -3.20 23.47 -4.03
N ASN B 179 -3.73 23.13 -5.20
CA ASN B 179 -2.92 23.08 -6.42
C ASN B 179 -3.65 23.84 -7.53
N GLU B 180 -3.14 23.76 -8.76
CA GLU B 180 -3.71 24.53 -9.86
C GLU B 180 -5.14 24.14 -10.20
N LYS B 181 -5.59 22.99 -9.73
CA LYS B 181 -6.94 22.51 -10.03
C LYS B 181 -7.96 22.88 -8.95
N GLY B 182 -7.50 23.10 -7.72
CA GLY B 182 -8.44 23.44 -6.67
C GLY B 182 -7.88 23.20 -5.28
N ILE B 183 -8.78 23.13 -4.31
CA ILE B 183 -8.40 23.03 -2.91
C ILE B 183 -8.94 21.73 -2.33
N SER B 184 -8.11 21.04 -1.56
CA SER B 184 -8.50 19.79 -0.93
C SER B 184 -9.61 19.98 0.08
N ASP B 185 -10.23 18.88 0.49
CA ASP B 185 -11.05 18.90 1.69
C ASP B 185 -10.10 19.23 2.83
N PRO B 186 -10.61 19.89 3.88
CA PRO B 186 -9.74 20.28 4.99
C PRO B 186 -9.47 19.11 5.94
N ARG B 187 -8.32 19.15 6.59
CA ARG B 187 -8.05 18.23 7.68
C ARG B 187 -8.08 19.03 8.98
N GLN B 188 -8.91 18.60 9.94
CA GLN B 188 -9.10 19.36 11.17
C GLN B 188 -8.28 18.81 12.34
N LEU B 189 -7.79 19.72 13.18
CA LEU B 189 -7.24 19.37 14.48
C LEU B 189 -8.24 18.50 15.27
N SER B 190 -7.78 17.38 15.83
CA SER B 190 -8.68 16.43 16.49
C SER B 190 -9.45 17.00 17.67
N VAL B 191 -8.76 17.77 18.51
CA VAL B 191 -9.39 18.37 19.70
C VAL B 191 -8.94 19.83 19.81
N PRO B 192 -9.83 20.70 20.32
CA PRO B 192 -9.53 22.14 20.35
C PRO B 192 -8.44 22.51 21.35
N VAL B 193 -7.89 23.70 21.20
CA VAL B 193 -6.80 24.14 22.06
C VAL B 193 -7.11 25.50 22.67
N ILE B 194 -6.82 25.63 23.96
CA ILE B 194 -7.03 26.88 24.64
C ILE B 194 -5.72 27.66 24.65
N ALA B 195 -5.76 28.90 24.17
CA ALA B 195 -4.58 29.76 24.23
C ALA B 195 -4.27 30.05 25.69
N LYS B 196 -3.08 29.68 26.14
CA LYS B 196 -2.70 29.82 27.55
C LYS B 196 -1.19 29.80 27.71
N ASP B 197 -0.72 30.19 28.89
CA ASP B 197 0.70 30.09 29.25
C ASP B 197 1.07 28.64 29.52
C1 MPD C . 25.49 -10.12 -3.85
C2 MPD C . 24.55 -11.15 -4.47
O2 MPD C . 25.30 -11.97 -5.41
CM MPD C . 24.04 -12.06 -3.37
C3 MPD C . 23.40 -10.48 -5.21
C4 MPD C . 22.87 -9.25 -4.48
O4 MPD C . 21.86 -8.60 -5.24
C5 MPD C . 22.23 -9.71 -3.18
C1 MRD D . 31.30 -1.18 12.70
C2 MRD D . 32.16 0.06 12.47
O2 MRD D . 33.19 0.11 13.49
CM MRD D . 32.86 -0.03 11.11
C3 MRD D . 31.31 1.32 12.52
C4 MRD D . 31.55 2.17 13.77
O4 MRD D . 32.85 2.71 13.74
C5 MRD D . 31.36 1.39 15.07
C1 MPD E . -29.13 9.40 -30.92
C2 MPD E . -27.72 9.92 -31.15
O2 MPD E . -27.17 10.41 -29.90
CM MPD E . -26.81 8.78 -31.63
C3 MPD E . -27.70 11.04 -32.18
C4 MPD E . -28.26 12.37 -31.66
O4 MPD E . -27.42 12.94 -30.67
C5 MPD E . -28.39 13.33 -32.83
#